data_8HY7
#
_entry.id   8HY7
#
_cell.length_a   146.200
_cell.length_b   146.200
_cell.length_c   146.200
_cell.angle_alpha   90.00
_cell.angle_beta   90.00
_cell.angle_gamma   90.00
#
_symmetry.space_group_name_H-M   'I 2 3'
#
loop_
_entity.id
_entity.type
_entity.pdbx_description
1 polymer 'Epidermal growth factor receptor'
2 non-polymer ~{N}-[3-[[6-fluoranyl-2-[[4-(4-methylpiperazin-1-yl)phenyl]amino]quinazolin-4-yl]amino]phenyl]prop-2-enamide
3 water water
#
_entity_poly.entity_id   1
_entity_poly.type   'polypeptide(L)'
_entity_poly.pdbx_seq_one_letter_code
;SGEAPNQALLRILKETEFKKIKVLGSGAFGTVYKGLWIPEGEKVKIPVAIKELREATSPKANKEILDEAYVMASVDNPHV
CRLLGICLTSTVQLIMQLMPFGCLLDYVREHKDNIGSQYLLNWCVQIAKGMNYLEDRRLVHRDLAARNVLVKTPQHVKIT
DFGRAKLLGAAAAEYHAEGGKVPIKWMALESILHRIYTHQSDVWSYGVTVWELMTFGSKPYDGIPASEISSILEKGERLP
QPPICTIDVYMIMVKCWMIDADSRPKFRELIIEFSKMARDPQRYLVIQGDERMHLPSPTDSNFYRALMDEEDMDDVVDAD
EYLIPQQGNS
;
_entity_poly.pdbx_strand_id   A
#
loop_
_chem_comp.id
_chem_comp.type
_chem_comp.name
_chem_comp.formula
NSO non-polymer ~{N}-[3-[[6-fluoranyl-2-[[4-(4-methylpiperazin-1-yl)phenyl]amino]quinazolin-4-yl]amino]phenyl]prop-2-enamide 'C28 H28 F N7 O'
#
# COMPACT_ATOMS: atom_id res chain seq x y z
N GLY A 2 22.35 -22.24 6.47
CA GLY A 2 21.67 -22.12 5.19
C GLY A 2 21.32 -20.68 4.86
N GLU A 3 20.22 -20.17 5.44
CA GLU A 3 19.84 -18.75 5.34
C GLU A 3 19.79 -18.15 6.75
N ALA A 4 19.22 -16.90 6.83
CA ALA A 4 19.35 -16.05 8.01
C ALA A 4 18.15 -16.17 8.95
N PRO A 5 18.34 -16.34 10.25
CA PRO A 5 17.17 -16.58 11.12
C PRO A 5 16.32 -15.32 11.26
N ASN A 6 15.01 -15.50 11.15
CA ASN A 6 14.03 -14.43 11.35
C ASN A 6 13.75 -14.25 12.84
N GLN A 7 14.49 -13.34 13.46
CA GLN A 7 14.34 -13.07 14.88
C GLN A 7 13.36 -11.97 15.19
N ALA A 8 12.38 -11.76 14.31
CA ALA A 8 11.24 -10.93 14.64
C ALA A 8 10.55 -11.40 15.91
N LEU A 9 9.85 -10.47 16.56
CA LEU A 9 9.07 -10.71 17.76
C LEU A 9 7.58 -10.60 17.47
N LEU A 10 6.79 -11.43 18.15
CA LEU A 10 5.35 -11.46 17.95
C LEU A 10 4.68 -10.99 19.23
N ARG A 11 4.22 -9.73 19.26
CA ARG A 11 3.64 -9.23 20.50
C ARG A 11 2.22 -9.81 20.62
N ILE A 12 1.96 -10.49 21.73
CA ILE A 12 0.63 -10.93 22.09
C ILE A 12 0.06 -9.91 23.06
N LEU A 13 -1.04 -9.29 22.66
CA LEU A 13 -1.71 -8.28 23.47
C LEU A 13 -2.96 -8.86 24.15
N LYS A 14 -3.34 -8.22 25.26
CA LYS A 14 -4.52 -8.62 26.02
C LYS A 14 -5.74 -7.87 25.50
N GLU A 15 -6.89 -8.57 25.36
CA GLU A 15 -8.12 -7.96 24.81
C GLU A 15 -8.62 -6.84 25.71
N THR A 16 -7.93 -6.61 26.82
CA THR A 16 -8.29 -5.57 27.76
C THR A 16 -7.40 -4.35 27.64
N GLU A 17 -6.16 -4.57 27.20
CA GLU A 17 -5.18 -3.54 26.88
C GLU A 17 -5.62 -2.64 25.74
N PHE A 18 -6.77 -2.88 25.09
CA PHE A 18 -7.25 -1.98 24.04
C PHE A 18 -8.77 -2.03 23.97
N LYS A 19 -9.33 -0.98 23.37
CA LYS A 19 -10.76 -0.79 23.20
C LYS A 19 -11.08 -0.30 21.79
N LYS A 20 -12.12 -0.90 21.18
CA LYS A 20 -12.65 -0.55 19.86
C LYS A 20 -13.54 0.69 19.96
N ILE A 21 -13.48 1.51 18.93
CA ILE A 21 -14.11 2.83 18.93
C ILE A 21 -15.32 2.87 18.00
N LYS A 22 -15.15 2.39 16.78
CA LYS A 22 -16.20 2.28 15.80
C LYS A 22 -15.73 1.23 14.79
N VAL A 23 -16.52 0.98 13.87
CA VAL A 23 -16.11 0.18 12.74
C VAL A 23 -15.64 1.08 11.63
N LEU A 24 -14.63 0.62 10.88
CA LEU A 24 -14.20 1.28 9.64
C LEU A 24 -14.78 0.60 8.40
N GLY A 25 -14.92 -0.71 8.40
CA GLY A 25 -15.46 -1.39 7.26
C GLY A 25 -15.50 -2.89 7.54
N SER A 26 -16.34 -3.57 6.76
CA SER A 26 -16.45 -5.02 6.88
C SER A 26 -16.78 -5.58 5.51
N GLY A 27 -16.65 -6.91 5.40
CA GLY A 27 -17.20 -7.59 4.24
C GLY A 27 -16.43 -8.77 3.68
N ALA A 28 -15.66 -9.45 4.51
CA ALA A 28 -14.98 -10.64 4.05
C ALA A 28 -14.77 -11.55 5.26
N PHE A 29 -15.89 -12.08 5.79
CA PHE A 29 -15.92 -12.93 6.98
C PHE A 29 -14.94 -12.41 8.03
N GLY A 30 -15.00 -11.10 8.24
CA GLY A 30 -14.02 -10.41 9.05
C GLY A 30 -14.18 -8.91 8.95
N THR A 31 -13.76 -8.21 10.01
CA THR A 31 -14.04 -6.80 10.15
C THR A 31 -12.80 -6.04 10.61
N VAL A 32 -12.84 -4.74 10.37
CA VAL A 32 -11.82 -3.77 10.78
C VAL A 32 -12.46 -2.74 11.70
N TYR A 33 -11.94 -2.59 12.90
CA TYR A 33 -12.34 -1.49 13.76
C TYR A 33 -11.23 -0.45 13.88
N LYS A 34 -11.64 0.80 14.08
CA LYS A 34 -10.77 1.80 14.69
C LYS A 34 -10.78 1.57 16.20
N GLY A 35 -9.60 1.52 16.81
CA GLY A 35 -9.57 1.40 18.26
C GLY A 35 -8.44 2.17 18.89
N LEU A 36 -8.29 1.99 20.19
CA LEU A 36 -7.11 2.48 20.88
C LEU A 36 -6.46 1.38 21.72
N TRP A 37 -5.14 1.39 21.74
CA TRP A 37 -4.36 0.39 22.46
C TRP A 37 -3.53 1.11 23.52
N ILE A 38 -3.70 0.71 24.78
CA ILE A 38 -3.03 1.39 25.89
C ILE A 38 -2.14 0.38 26.60
N PRO A 39 -0.89 0.22 26.21
CA PRO A 39 0.01 -0.67 26.94
C PRO A 39 -0.17 -0.52 28.44
N GLU A 40 -0.33 -1.63 29.17
CA GLU A 40 -0.52 -1.52 30.61
C GLU A 40 0.62 -0.71 31.21
N GLY A 41 0.30 0.42 31.85
CA GLY A 41 1.26 1.20 32.60
C GLY A 41 2.19 2.11 31.83
N GLU A 42 2.01 2.27 30.53
CA GLU A 42 2.93 3.12 29.77
C GLU A 42 2.49 4.57 29.69
N LYS A 43 1.26 4.86 30.06
CA LYS A 43 0.73 6.21 29.95
C LYS A 43 0.82 6.67 28.50
N VAL A 44 0.54 5.77 27.57
CA VAL A 44 0.37 6.14 26.17
C VAL A 44 -0.94 5.54 25.67
N LYS A 45 -1.52 6.21 24.68
CA LYS A 45 -2.66 5.73 23.93
C LYS A 45 -2.23 5.71 22.48
N ILE A 46 -2.37 4.56 21.79
CA ILE A 46 -1.93 4.40 20.43
C ILE A 46 -3.10 4.04 19.54
N PRO A 47 -3.38 4.77 18.48
CA PRO A 47 -4.50 4.39 17.60
C PRO A 47 -4.13 3.21 16.71
N VAL A 48 -5.05 2.25 16.63
CA VAL A 48 -4.83 1.00 15.94
C VAL A 48 -5.95 0.78 14.92
N ALA A 49 -5.71 -0.15 14.00
CA ALA A 49 -6.75 -0.85 13.28
C ALA A 49 -6.75 -2.31 13.73
N ILE A 50 -7.95 -2.81 14.06
CA ILE A 50 -8.14 -4.17 14.54
C ILE A 50 -8.86 -4.98 13.47
N LYS A 51 -8.11 -5.89 12.83
CA LYS A 51 -8.62 -6.77 11.79
C LYS A 51 -9.09 -8.07 12.45
N GLU A 52 -10.29 -8.55 12.08
CA GLU A 52 -10.82 -9.84 12.55
C GLU A 52 -11.83 -10.38 11.55
N THR A 57 -14.77 -18.14 12.38
CA THR A 57 -13.68 -18.92 12.96
C THR A 57 -13.78 -20.40 12.55
N SER A 58 -13.49 -20.64 11.29
CA SER A 58 -13.10 -21.95 10.83
C SER A 58 -11.65 -22.20 11.25
N PRO A 59 -11.16 -23.44 11.09
CA PRO A 59 -9.75 -23.70 11.41
C PRO A 59 -8.83 -23.18 10.33
N LYS A 60 -9.27 -23.21 9.07
CA LYS A 60 -8.49 -22.57 8.01
C LYS A 60 -8.28 -21.10 8.31
N ALA A 61 -9.36 -20.39 8.60
CA ALA A 61 -9.31 -18.95 8.79
C ALA A 61 -8.14 -18.53 9.68
N ASN A 62 -8.04 -19.13 10.87
CA ASN A 62 -7.03 -18.70 11.83
C ASN A 62 -5.62 -18.98 11.32
N LYS A 63 -5.41 -20.07 10.60
CA LYS A 63 -4.06 -20.30 10.07
C LYS A 63 -3.71 -19.27 9.01
N GLU A 64 -4.66 -18.89 8.16
CA GLU A 64 -4.36 -17.92 7.11
C GLU A 64 -4.08 -16.53 7.69
N ILE A 65 -4.67 -16.18 8.82
CA ILE A 65 -4.40 -14.84 9.35
C ILE A 65 -3.10 -14.83 10.17
N LEU A 66 -2.79 -15.92 10.88
CA LEU A 66 -1.50 -16.01 11.57
C LEU A 66 -0.34 -16.02 10.59
N ASP A 67 -0.60 -16.29 9.33
CA ASP A 67 0.42 -16.19 8.31
C ASP A 67 0.60 -14.75 7.87
N GLU A 68 -0.50 -14.05 7.59
CA GLU A 68 -0.35 -12.62 7.35
C GLU A 68 0.53 -12.03 8.46
N ALA A 69 0.17 -12.34 9.71
CA ALA A 69 0.81 -11.73 10.88
C ALA A 69 2.26 -12.11 10.97
N TYR A 70 2.57 -13.40 10.77
CA TYR A 70 3.95 -13.78 10.56
C TYR A 70 4.73 -12.75 9.73
N VAL A 71 4.14 -12.31 8.61
CA VAL A 71 4.89 -11.50 7.65
C VAL A 71 4.98 -10.05 8.09
N MET A 72 3.84 -9.45 8.48
CA MET A 72 3.86 -8.07 8.96
C MET A 72 4.82 -7.93 10.12
N ALA A 73 4.85 -8.95 10.98
CA ALA A 73 5.82 -8.99 12.07
C ALA A 73 7.26 -8.92 11.58
N SER A 74 7.53 -9.30 10.37
CA SER A 74 8.91 -9.40 9.96
C SER A 74 9.29 -8.24 9.07
N VAL A 75 8.51 -7.14 9.09
CA VAL A 75 8.87 -5.94 8.36
C VAL A 75 8.98 -4.74 9.31
N ASP A 76 9.93 -3.88 8.97
CA ASP A 76 10.00 -2.51 9.46
C ASP A 76 10.45 -1.69 8.27
N ASN A 77 9.56 -0.87 7.71
CA ASN A 77 9.95 0.14 6.76
C ASN A 77 8.94 1.26 6.90
N PRO A 78 9.34 2.48 6.61
CA PRO A 78 8.38 3.60 6.70
C PRO A 78 7.21 3.53 5.77
N HIS A 79 7.25 2.62 4.81
CA HIS A 79 6.30 2.59 3.70
C HIS A 79 5.74 1.18 3.61
N VAL A 80 5.75 0.52 4.75
CA VAL A 80 5.15 -0.79 4.94
C VAL A 80 4.37 -0.71 6.25
N CYS A 81 3.10 -1.08 6.16
CA CYS A 81 2.20 -1.01 7.29
C CYS A 81 2.88 -1.65 8.49
N ARG A 82 2.75 -0.98 9.64
CA ARG A 82 3.34 -1.42 10.90
C ARG A 82 2.37 -2.37 11.63
N LEU A 83 2.80 -3.61 11.87
CA LEU A 83 2.02 -4.54 12.69
C LEU A 83 2.45 -4.49 14.16
N LEU A 84 1.48 -4.28 15.05
CA LEU A 84 1.72 -4.06 16.46
C LEU A 84 1.69 -5.34 17.29
N GLY A 85 0.73 -6.22 17.01
CA GLY A 85 0.61 -7.46 17.74
C GLY A 85 -0.66 -8.13 17.34
N ILE A 86 -0.90 -9.29 17.97
CA ILE A 86 -2.11 -10.05 17.78
C ILE A 86 -2.73 -10.37 19.14
N CYS A 87 -4.03 -10.62 19.11
CA CYS A 87 -4.80 -10.87 20.31
C CYS A 87 -5.56 -12.17 20.15
N LEU A 88 -5.40 -13.06 21.11
CA LEU A 88 -5.87 -14.44 20.96
C LEU A 88 -7.18 -14.61 21.69
N THR A 89 -8.17 -13.93 21.15
CA THR A 89 -9.56 -14.18 21.44
C THR A 89 -10.01 -15.40 20.63
N SER A 90 -11.24 -15.84 20.89
CA SER A 90 -11.89 -16.90 20.12
C SER A 90 -11.59 -16.73 18.64
N THR A 91 -11.55 -15.46 18.25
CA THR A 91 -11.17 -15.03 16.92
C THR A 91 -9.77 -14.42 17.01
N VAL A 92 -8.92 -14.82 16.11
CA VAL A 92 -7.62 -14.18 16.04
C VAL A 92 -7.78 -12.79 15.42
N GLN A 93 -7.22 -11.76 16.08
CA GLN A 93 -7.27 -10.41 15.49
C GLN A 93 -5.91 -9.71 15.48
N LEU A 94 -5.63 -8.98 14.40
CA LEU A 94 -4.35 -8.31 14.20
C LEU A 94 -4.48 -6.83 14.54
N ILE A 95 -3.58 -6.35 15.37
CA ILE A 95 -3.56 -4.96 15.77
C ILE A 95 -2.52 -4.25 14.91
N MET A 96 -2.97 -3.34 14.07
CA MET A 96 -2.07 -2.64 13.19
C MET A 96 -2.15 -1.15 13.45
N GLN A 97 -1.06 -0.48 13.13
CA GLN A 97 -1.04 0.96 13.20
C GLN A 97 -2.17 1.52 12.35
N LEU A 98 -3.03 2.30 12.99
CA LEU A 98 -4.17 2.90 12.31
C LEU A 98 -3.70 3.88 11.26
N MET A 99 -4.27 3.76 10.07
CA MET A 99 -3.97 4.61 8.93
C MET A 99 -5.16 5.52 8.65
N PRO A 100 -5.14 6.75 9.14
CA PRO A 100 -6.41 7.47 9.27
C PRO A 100 -7.14 7.81 7.97
N PHE A 101 -6.46 8.09 6.87
CA PHE A 101 -7.12 8.57 5.66
C PHE A 101 -7.63 7.45 4.73
N GLY A 102 -7.77 6.25 5.28
CA GLY A 102 -8.06 5.06 4.50
C GLY A 102 -7.02 4.80 3.43
N CYS A 103 -7.49 4.17 2.35
CA CYS A 103 -6.63 3.73 1.27
C CYS A 103 -6.56 4.75 0.14
N LEU A 104 -5.45 4.66 -0.60
CA LEU A 104 -5.16 5.68 -1.59
C LEU A 104 -6.16 5.65 -2.73
N LEU A 105 -6.65 4.46 -3.10
CA LEU A 105 -7.56 4.42 -4.24
C LEU A 105 -8.78 5.30 -3.98
N ASP A 106 -9.42 5.13 -2.82
CA ASP A 106 -10.48 6.05 -2.43
C ASP A 106 -9.95 7.45 -2.29
N TYR A 107 -8.79 7.62 -1.64
CA TYR A 107 -8.32 8.97 -1.36
C TYR A 107 -8.28 9.81 -2.62
N VAL A 108 -7.81 9.24 -3.73
CA VAL A 108 -7.61 10.04 -4.96
C VAL A 108 -8.92 10.29 -5.68
N ARG A 109 -9.87 9.37 -5.60
CA ARG A 109 -11.22 9.63 -6.10
C ARG A 109 -11.90 10.73 -5.31
N GLU A 110 -11.87 10.64 -3.97
CA GLU A 110 -12.57 11.61 -3.15
C GLU A 110 -11.94 12.99 -3.24
N HIS A 111 -10.61 13.09 -3.35
CA HIS A 111 -9.96 14.39 -3.34
C HIS A 111 -9.35 14.75 -4.69
N LYS A 112 -9.70 13.99 -5.73
CA LYS A 112 -9.37 14.26 -7.13
C LYS A 112 -8.90 15.68 -7.37
N ASP A 113 -9.75 16.64 -7.08
CA ASP A 113 -9.57 18.00 -7.55
C ASP A 113 -8.69 18.84 -6.61
N ASN A 114 -8.05 18.20 -5.63
CA ASN A 114 -7.15 18.89 -4.73
C ASN A 114 -5.78 18.25 -4.64
N ILE A 115 -5.54 17.23 -5.45
CA ILE A 115 -4.26 16.52 -5.46
C ILE A 115 -3.34 17.21 -6.47
N GLY A 116 -2.16 17.60 -6.00
CA GLY A 116 -1.18 18.26 -6.83
C GLY A 116 -0.10 17.30 -7.29
N SER A 117 0.63 17.70 -8.33
CA SER A 117 1.62 16.82 -8.92
C SER A 117 2.67 16.39 -7.91
N GLN A 118 2.98 17.27 -6.97
CA GLN A 118 3.90 16.93 -5.90
C GLN A 118 3.40 15.73 -5.11
N TYR A 119 2.15 15.79 -4.71
CA TYR A 119 1.59 14.67 -4.00
C TYR A 119 1.68 13.39 -4.83
N LEU A 120 1.25 13.41 -6.09
CA LEU A 120 1.33 12.21 -6.92
C LEU A 120 2.75 11.67 -6.97
N LEU A 121 3.68 12.49 -7.43
CA LEU A 121 5.08 12.09 -7.56
C LEU A 121 5.68 11.63 -6.25
N ASN A 122 5.28 12.21 -5.15
CA ASN A 122 5.89 11.75 -3.92
C ASN A 122 5.26 10.45 -3.41
N TRP A 123 3.97 10.20 -3.65
CA TRP A 123 3.45 8.85 -3.44
C TRP A 123 4.16 7.85 -4.31
N CYS A 124 4.35 8.20 -5.58
CA CYS A 124 5.06 7.30 -6.47
C CYS A 124 6.41 6.94 -5.91
N VAL A 125 7.16 7.93 -5.41
CA VAL A 125 8.44 7.64 -4.76
C VAL A 125 8.27 6.70 -3.58
N GLN A 126 7.30 7.01 -2.71
CA GLN A 126 7.19 6.34 -1.43
C GLN A 126 6.88 4.87 -1.56
N ILE A 127 6.24 4.49 -2.67
CA ILE A 127 5.92 3.08 -2.92
C ILE A 127 7.10 2.40 -3.55
N ALA A 128 7.84 3.09 -4.39
CA ALA A 128 9.06 2.51 -4.91
C ALA A 128 9.97 2.14 -3.77
N LYS A 129 9.98 2.98 -2.72
CA LYS A 129 10.75 2.66 -1.53
C LYS A 129 10.14 1.48 -0.76
N GLY A 130 8.82 1.54 -0.53
CA GLY A 130 8.13 0.42 0.07
C GLY A 130 8.56 -0.89 -0.53
N MET A 131 8.53 -0.97 -1.86
CA MET A 131 8.73 -2.22 -2.58
C MET A 131 10.19 -2.52 -2.74
N ASN A 132 11.02 -1.51 -3.05
CA ASN A 132 12.46 -1.73 -2.95
C ASN A 132 12.86 -2.34 -1.63
N TYR A 133 12.14 -2.00 -0.54
CA TYR A 133 12.44 -2.62 0.75
C TYR A 133 11.97 -4.06 0.79
N LEU A 134 10.69 -4.29 0.46
CA LEU A 134 10.20 -5.65 0.34
C LEU A 134 11.10 -6.51 -0.53
N GLU A 135 11.84 -5.91 -1.45
CA GLU A 135 12.77 -6.72 -2.23
C GLU A 135 14.03 -6.99 -1.42
N ASP A 136 14.64 -5.95 -0.84
CA ASP A 136 15.68 -6.11 0.17
C ASP A 136 15.38 -7.32 1.08
N ARG A 137 14.11 -7.50 1.45
CA ARG A 137 13.72 -8.61 2.32
C ARG A 137 13.27 -9.82 1.52
N ARG A 138 13.68 -9.91 0.28
CA ARG A 138 13.32 -11.02 -0.61
C ARG A 138 11.85 -11.40 -0.44
N LEU A 139 11.00 -10.39 -0.60
CA LEU A 139 9.56 -10.52 -0.42
C LEU A 139 8.80 -10.10 -1.65
N VAL A 140 7.87 -10.92 -2.09
CA VAL A 140 7.07 -10.63 -3.26
C VAL A 140 5.64 -10.41 -2.81
N HIS A 141 5.09 -9.25 -3.16
CA HIS A 141 3.81 -8.80 -2.62
C HIS A 141 2.65 -9.52 -3.28
N ARG A 142 2.72 -9.65 -4.61
CA ARG A 142 1.73 -10.30 -5.47
C ARG A 142 0.33 -9.72 -5.38
N ASP A 143 0.15 -8.53 -4.81
CA ASP A 143 -1.12 -7.83 -4.93
C ASP A 143 -0.94 -6.34 -4.69
N LEU A 144 0.05 -5.74 -5.32
CA LEU A 144 0.25 -4.30 -5.27
C LEU A 144 -0.77 -3.64 -6.18
N ALA A 145 -1.56 -2.74 -5.61
CA ALA A 145 -2.60 -2.02 -6.34
C ALA A 145 -2.87 -0.77 -5.55
N ALA A 146 -3.54 0.20 -6.17
CA ALA A 146 -3.87 1.39 -5.39
C ALA A 146 -4.76 1.04 -4.20
N ARG A 147 -5.58 -0.03 -4.27
CA ARG A 147 -6.48 -0.32 -3.15
C ARG A 147 -5.71 -0.68 -1.89
N ASN A 148 -4.50 -1.25 -2.05
CA ASN A 148 -3.70 -1.82 -0.98
C ASN A 148 -2.56 -0.92 -0.55
N VAL A 149 -2.66 0.39 -0.79
CA VAL A 149 -1.80 1.37 -0.17
C VAL A 149 -2.65 2.28 0.70
N LEU A 150 -2.26 2.44 1.97
CA LEU A 150 -2.96 3.24 2.97
C LEU A 150 -2.29 4.59 3.21
N VAL A 151 -3.11 5.54 3.65
CA VAL A 151 -2.75 6.94 3.83
C VAL A 151 -2.68 7.24 5.31
N LYS A 152 -1.47 7.44 5.81
CA LYS A 152 -1.32 7.92 7.19
C LYS A 152 -1.63 9.40 7.27
N THR A 153 -0.85 10.20 6.53
CA THR A 153 -1.13 11.59 6.21
C THR A 153 -1.22 11.69 4.71
N PRO A 154 -1.70 12.81 4.16
CA PRO A 154 -1.62 12.99 2.71
C PRO A 154 -0.21 12.92 2.19
N GLN A 155 0.79 13.24 3.03
CA GLN A 155 2.20 13.27 2.68
C GLN A 155 2.91 11.95 2.96
N HIS A 156 2.19 10.90 3.28
CA HIS A 156 2.84 9.68 3.76
C HIS A 156 1.87 8.53 3.59
N VAL A 157 2.28 7.53 2.80
CA VAL A 157 1.46 6.37 2.46
C VAL A 157 2.30 5.15 2.77
N LYS A 158 1.63 4.01 2.99
CA LYS A 158 2.27 2.76 3.35
C LYS A 158 1.61 1.59 2.61
N ILE A 159 2.40 0.59 2.21
CA ILE A 159 1.83 -0.59 1.57
C ILE A 159 1.26 -1.56 2.61
N THR A 160 0.17 -2.24 2.27
CA THR A 160 -0.48 -3.19 3.16
C THR A 160 -1.04 -4.38 2.35
N ASP A 161 -1.99 -5.11 2.95
CA ASP A 161 -2.51 -6.36 2.41
C ASP A 161 -1.37 -7.23 1.88
N PHE A 162 -0.74 -7.94 2.80
CA PHE A 162 0.16 -9.06 2.54
C PHE A 162 -0.58 -10.38 2.64
N GLY A 163 -1.88 -10.37 2.31
CA GLY A 163 -2.66 -11.57 2.20
C GLY A 163 -2.20 -12.48 1.09
N ARG A 164 -1.38 -11.98 0.18
CA ARG A 164 -0.83 -12.78 -0.88
C ARG A 164 0.68 -12.84 -0.88
N ALA A 165 1.37 -12.15 0.03
CA ALA A 165 2.81 -12.05 -0.05
C ALA A 165 3.47 -13.41 0.12
N LYS A 166 4.60 -13.60 -0.58
CA LYS A 166 5.39 -14.85 -0.52
C LYS A 166 6.87 -14.48 -0.66
N LEU A 167 7.72 -15.46 -1.06
CA LEU A 167 9.18 -15.26 -1.18
C LEU A 167 9.86 -16.05 -2.35
N VAL A 182 -8.35 -13.63 -7.44
CA VAL A 182 -7.18 -13.13 -8.15
C VAL A 182 -7.43 -11.84 -8.97
N PRO A 183 -6.42 -10.92 -8.98
CA PRO A 183 -6.66 -9.57 -9.55
C PRO A 183 -6.07 -9.41 -10.93
N ILE A 184 -6.80 -9.80 -11.95
CA ILE A 184 -6.14 -10.07 -13.22
C ILE A 184 -5.57 -8.81 -13.83
N LYS A 185 -6.36 -7.73 -13.82
CA LYS A 185 -6.02 -6.48 -14.48
C LYS A 185 -4.77 -5.82 -13.90
N TRP A 186 -4.18 -6.37 -12.83
CA TRP A 186 -2.99 -5.80 -12.18
C TRP A 186 -1.72 -6.58 -12.44
N MET A 187 -1.78 -7.79 -12.99
CA MET A 187 -0.67 -8.72 -12.89
C MET A 187 0.03 -8.90 -14.23
N ALA A 188 1.31 -9.25 -14.14
CA ALA A 188 2.15 -9.43 -15.31
C ALA A 188 1.61 -10.53 -16.21
N LEU A 189 2.17 -10.58 -17.42
CA LEU A 189 1.87 -11.67 -18.35
C LEU A 189 2.25 -13.02 -17.74
N GLU A 190 3.54 -13.21 -17.49
CA GLU A 190 3.99 -14.50 -17.00
C GLU A 190 3.24 -14.91 -15.75
N SER A 191 2.80 -13.95 -14.93
CA SER A 191 1.93 -14.30 -13.81
C SER A 191 0.64 -14.93 -14.31
N ILE A 192 -0.08 -14.20 -15.18
CA ILE A 192 -1.37 -14.66 -15.69
C ILE A 192 -1.27 -16.03 -16.36
N LEU A 193 -0.16 -16.32 -17.01
CA LEU A 193 -0.09 -17.48 -17.88
C LEU A 193 0.62 -18.66 -17.26
N HIS A 194 1.67 -18.43 -16.49
CA HIS A 194 2.48 -19.50 -15.93
C HIS A 194 2.59 -19.40 -14.43
N ARG A 195 1.61 -18.77 -13.78
CA ARG A 195 1.70 -18.44 -12.35
C ARG A 195 3.09 -18.08 -11.86
N ILE A 196 3.80 -17.28 -12.58
CA ILE A 196 5.12 -16.84 -12.15
C ILE A 196 4.99 -15.49 -11.47
N TYR A 197 5.65 -15.34 -10.31
CA TYR A 197 5.68 -14.08 -9.59
C TYR A 197 7.10 -13.75 -9.14
N THR A 198 7.52 -12.51 -9.39
CA THR A 198 8.85 -12.04 -9.06
C THR A 198 8.71 -10.64 -8.51
N HIS A 199 9.81 -10.09 -8.01
CA HIS A 199 9.86 -8.65 -7.82
C HIS A 199 9.59 -7.94 -9.12
N GLN A 200 9.93 -8.58 -10.25
CA GLN A 200 9.61 -8.02 -11.57
C GLN A 200 8.19 -8.30 -12.02
N SER A 201 7.54 -9.36 -11.54
CA SER A 201 6.08 -9.36 -11.64
C SER A 201 5.50 -8.18 -10.83
N ASP A 202 6.13 -7.81 -9.71
CA ASP A 202 5.61 -6.75 -8.85
C ASP A 202 5.81 -5.38 -9.49
N VAL A 203 6.90 -5.20 -10.23
CA VAL A 203 7.12 -3.92 -10.93
C VAL A 203 5.96 -3.63 -11.89
N TRP A 204 5.53 -4.63 -12.68
CA TRP A 204 4.30 -4.49 -13.45
C TRP A 204 3.17 -3.88 -12.60
N SER A 205 2.77 -4.53 -11.52
CA SER A 205 1.62 -3.99 -10.78
C SER A 205 1.90 -2.60 -10.27
N TYR A 206 3.18 -2.30 -9.97
CA TYR A 206 3.57 -0.92 -9.65
C TYR A 206 3.17 0.03 -10.76
N GLY A 207 3.32 -0.43 -12.01
CA GLY A 207 2.94 0.37 -13.17
C GLY A 207 1.43 0.54 -13.31
N VAL A 208 0.66 -0.52 -13.12
CA VAL A 208 -0.78 -0.33 -13.11
C VAL A 208 -1.15 0.59 -11.97
N THR A 209 -0.61 0.31 -10.78
CA THR A 209 -0.93 1.13 -9.61
C THR A 209 -0.70 2.61 -9.89
N VAL A 210 0.30 2.93 -10.72
CA VAL A 210 0.66 4.34 -10.93
C VAL A 210 -0.27 4.99 -11.92
N TRP A 211 -0.55 4.26 -13.00
CA TRP A 211 -1.67 4.57 -13.88
C TRP A 211 -2.94 4.86 -13.12
N GLU A 212 -3.20 4.12 -12.04
CA GLU A 212 -4.40 4.37 -11.25
C GLU A 212 -4.33 5.73 -10.59
N LEU A 213 -3.18 6.09 -10.06
CA LEU A 213 -3.03 7.41 -9.46
C LEU A 213 -3.13 8.49 -10.50
N MET A 214 -2.46 8.31 -11.64
CA MET A 214 -2.43 9.37 -12.64
C MET A 214 -3.83 9.61 -13.19
N THR A 215 -4.63 8.56 -13.33
CA THR A 215 -5.98 8.70 -13.81
C THR A 215 -6.96 9.03 -12.69
N PHE A 216 -6.45 9.17 -11.47
CA PHE A 216 -7.23 9.60 -10.31
C PHE A 216 -8.22 8.53 -9.87
N GLY A 217 -7.80 7.27 -9.94
CA GLY A 217 -8.64 6.17 -9.53
C GLY A 217 -9.52 5.64 -10.63
N SER A 218 -9.10 5.76 -11.88
CA SER A 218 -9.83 5.12 -12.95
C SER A 218 -9.61 3.62 -12.84
N LYS A 219 -10.53 2.88 -13.45
CA LYS A 219 -10.46 1.43 -13.41
C LYS A 219 -9.70 0.91 -14.65
N PRO A 220 -8.66 0.10 -14.45
CA PRO A 220 -7.81 -0.30 -15.59
C PRO A 220 -8.47 -1.35 -16.46
N TYR A 221 -8.50 -1.08 -17.77
CA TYR A 221 -9.14 -1.97 -18.73
C TYR A 221 -10.63 -1.93 -18.48
N ASP A 222 -11.12 -0.74 -18.14
CA ASP A 222 -12.52 -0.62 -17.75
C ASP A 222 -13.40 -1.05 -18.91
N GLY A 223 -13.89 -2.30 -18.87
CA GLY A 223 -14.72 -2.82 -19.93
C GLY A 223 -14.37 -4.24 -20.35
N ILE A 224 -13.09 -4.57 -20.18
CA ILE A 224 -12.56 -5.86 -20.73
C ILE A 224 -12.64 -6.89 -19.59
N PRO A 225 -13.45 -7.93 -19.78
CA PRO A 225 -13.42 -9.04 -18.80
C PRO A 225 -12.05 -9.69 -18.75
N ALA A 226 -11.62 -10.02 -17.54
CA ALA A 226 -10.26 -10.53 -17.35
C ALA A 226 -9.97 -11.75 -18.22
N SER A 227 -11.01 -12.47 -18.62
CA SER A 227 -10.84 -13.55 -19.57
C SER A 227 -10.08 -13.07 -20.81
N GLU A 228 -10.48 -11.90 -21.33
CA GLU A 228 -9.92 -11.37 -22.55
C GLU A 228 -8.62 -10.60 -22.33
N ILE A 229 -8.20 -10.38 -21.08
CA ILE A 229 -7.06 -9.51 -20.81
C ILE A 229 -5.80 -10.10 -21.43
N SER A 230 -5.46 -11.32 -21.04
CA SER A 230 -4.20 -11.93 -21.43
C SER A 230 -3.90 -11.81 -22.93
N SER A 231 -4.91 -12.04 -23.78
CA SER A 231 -4.63 -11.99 -25.21
C SER A 231 -4.45 -10.57 -25.69
N ILE A 232 -5.24 -9.64 -25.13
CA ILE A 232 -5.08 -8.23 -25.49
C ILE A 232 -3.65 -7.78 -25.22
N LEU A 233 -3.07 -8.23 -24.10
CA LEU A 233 -1.66 -7.94 -23.87
C LEU A 233 -0.77 -8.67 -24.88
N GLU A 234 -1.02 -9.95 -25.11
CA GLU A 234 -0.22 -10.69 -26.08
C GLU A 234 -0.16 -9.98 -27.43
N LYS A 235 -1.13 -9.12 -27.72
CA LYS A 235 -1.11 -8.34 -28.96
C LYS A 235 -0.16 -7.14 -28.89
N GLY A 236 0.25 -6.71 -27.70
CA GLY A 236 1.03 -5.51 -27.54
C GLY A 236 0.23 -4.33 -27.00
N GLU A 237 -1.08 -4.48 -26.85
CA GLU A 237 -1.94 -3.44 -26.32
C GLU A 237 -1.73 -3.28 -24.82
N ARG A 238 -1.79 -2.03 -24.38
CA ARG A 238 -1.57 -1.69 -22.98
C ARG A 238 -2.56 -0.59 -22.57
N LEU A 239 -2.35 -0.04 -21.33
CA LEU A 239 -3.16 0.98 -20.70
C LEU A 239 -2.76 2.36 -21.22
N PRO A 240 -3.72 3.25 -21.43
CA PRO A 240 -3.43 4.52 -22.09
C PRO A 240 -2.72 5.56 -21.21
N GLN A 241 -2.35 6.63 -21.86
CA GLN A 241 -1.59 7.70 -21.23
C GLN A 241 -2.50 8.63 -20.46
N PRO A 242 -2.51 8.61 -19.13
CA PRO A 242 -3.28 9.60 -18.38
C PRO A 242 -3.09 10.97 -18.99
N PRO A 243 -4.19 11.69 -19.14
CA PRO A 243 -4.10 13.07 -19.62
C PRO A 243 -3.08 13.92 -18.89
N ILE A 244 -2.93 13.80 -17.58
CA ILE A 244 -2.01 14.71 -16.92
C ILE A 244 -0.58 14.31 -17.23
N CYS A 245 -0.39 13.21 -17.94
CA CYS A 245 0.92 12.56 -17.92
C CYS A 245 1.80 13.04 -19.06
N THR A 246 2.93 13.63 -18.74
CA THR A 246 3.92 13.83 -19.77
C THR A 246 4.42 12.46 -20.26
N ILE A 247 5.08 12.49 -21.41
CA ILE A 247 5.66 11.26 -21.93
C ILE A 247 6.72 10.73 -21.00
N ASP A 248 7.47 11.59 -20.33
CA ASP A 248 8.45 11.11 -19.37
C ASP A 248 7.86 10.10 -18.37
N VAL A 249 6.80 10.48 -17.67
CA VAL A 249 6.11 9.57 -16.76
C VAL A 249 5.49 8.40 -17.52
N TYR A 250 4.73 8.66 -18.57
CA TYR A 250 4.04 7.55 -19.24
C TYR A 250 5.03 6.53 -19.79
N MET A 251 6.17 6.99 -20.28
CA MET A 251 7.26 6.12 -20.65
C MET A 251 7.67 5.22 -19.46
N ILE A 252 7.79 5.79 -18.29
CA ILE A 252 8.18 4.97 -17.15
C ILE A 252 7.09 3.95 -16.81
N MET A 253 5.81 4.32 -16.87
CA MET A 253 4.76 3.32 -16.76
C MET A 253 5.01 2.16 -17.71
N VAL A 254 5.35 2.48 -18.95
CA VAL A 254 5.35 1.50 -20.00
C VAL A 254 6.46 0.48 -19.78
N LYS A 255 7.66 0.95 -19.46
CA LYS A 255 8.78 0.03 -19.24
C LYS A 255 8.44 -1.06 -18.22
N CYS A 256 7.49 -0.80 -17.31
CA CYS A 256 7.04 -1.80 -16.34
C CYS A 256 6.21 -2.89 -16.99
N TRP A 257 5.85 -2.72 -18.22
CA TRP A 257 4.89 -3.58 -18.88
C TRP A 257 5.49 -4.27 -20.07
N MET A 258 6.83 -4.26 -20.17
CA MET A 258 7.54 -5.15 -21.08
C MET A 258 7.19 -6.61 -20.78
N ILE A 259 7.18 -7.44 -21.82
CA ILE A 259 7.09 -8.86 -21.57
C ILE A 259 8.41 -9.37 -20.99
N ASP A 260 9.54 -9.02 -21.61
CA ASP A 260 10.87 -9.35 -21.08
C ASP A 260 11.01 -8.68 -19.72
N ALA A 261 10.98 -9.45 -18.63
CA ALA A 261 10.91 -8.83 -17.30
C ALA A 261 12.23 -8.21 -16.85
N ASP A 262 13.36 -8.64 -17.42
CA ASP A 262 14.66 -8.04 -17.12
C ASP A 262 14.86 -6.69 -17.77
N SER A 263 14.03 -6.33 -18.74
CA SER A 263 14.00 -4.99 -19.28
C SER A 263 13.24 -4.05 -18.38
N ARG A 264 12.25 -4.56 -17.65
CA ARG A 264 11.52 -3.69 -16.75
C ARG A 264 12.51 -3.05 -15.81
N PRO A 265 12.11 -1.96 -15.17
CA PRO A 265 13.01 -1.26 -14.26
C PRO A 265 12.95 -1.86 -12.87
N LYS A 266 13.94 -1.49 -12.08
CA LYS A 266 14.11 -1.93 -10.72
C LYS A 266 13.58 -0.87 -9.79
N PHE A 267 12.79 -1.27 -8.80
CA PHE A 267 12.30 -0.38 -7.74
C PHE A 267 13.37 0.62 -7.30
N ARG A 268 14.62 0.14 -7.21
CA ARG A 268 15.75 1.01 -6.92
C ARG A 268 15.86 2.17 -7.93
N GLU A 269 15.68 1.85 -9.23
CA GLU A 269 15.71 2.88 -10.26
C GLU A 269 14.41 3.68 -10.33
N LEU A 270 13.29 3.07 -9.96
CA LEU A 270 12.05 3.83 -9.89
C LEU A 270 12.11 4.89 -8.81
N ILE A 271 12.69 4.55 -7.65
CA ILE A 271 12.88 5.59 -6.64
C ILE A 271 13.64 6.75 -7.25
N ILE A 272 14.77 6.46 -7.88
CA ILE A 272 15.61 7.53 -8.41
C ILE A 272 14.82 8.39 -9.40
N GLU A 273 14.05 7.77 -10.28
CA GLU A 273 13.47 8.59 -11.34
C GLU A 273 12.33 9.46 -10.85
N PHE A 274 11.42 8.94 -10.06
CA PHE A 274 10.40 9.81 -9.50
C PHE A 274 10.98 10.86 -8.57
N SER A 275 11.99 10.51 -7.76
CA SER A 275 12.58 11.53 -6.89
C SER A 275 13.16 12.68 -7.69
N LYS A 276 13.66 12.38 -8.89
CA LYS A 276 14.19 13.43 -9.77
C LYS A 276 13.07 14.33 -10.25
N MET A 277 11.94 13.72 -10.64
CA MET A 277 10.78 14.49 -11.10
C MET A 277 10.12 15.28 -9.98
N ALA A 278 10.18 14.79 -8.75
CA ALA A 278 9.54 15.47 -7.65
C ALA A 278 10.30 16.71 -7.23
N ARG A 279 11.35 17.08 -7.97
CA ARG A 279 12.01 18.37 -7.79
C ARG A 279 11.39 19.46 -8.64
N ASP A 280 10.90 19.14 -9.84
CA ASP A 280 10.07 20.02 -10.66
C ASP A 280 8.83 19.24 -11.04
N PRO A 281 7.90 19.07 -10.10
CA PRO A 281 6.72 18.28 -10.44
C PRO A 281 5.90 18.84 -11.58
N GLN A 282 5.82 20.18 -11.70
CA GLN A 282 4.99 20.80 -12.72
C GLN A 282 5.52 20.58 -14.11
N ARG A 283 6.73 20.06 -14.22
CA ARG A 283 7.36 19.77 -15.49
C ARG A 283 7.00 18.40 -16.02
N TYR A 284 6.52 17.50 -15.16
CA TYR A 284 6.20 16.15 -15.57
C TYR A 284 4.75 15.76 -15.39
N LEU A 285 3.95 16.54 -14.68
CA LEU A 285 2.52 16.27 -14.57
C LEU A 285 1.82 17.59 -14.77
N VAL A 286 0.78 17.59 -15.59
CA VAL A 286 0.18 18.82 -16.05
C VAL A 286 -1.27 18.77 -15.60
N ILE A 287 -1.59 19.50 -14.52
CA ILE A 287 -2.89 19.49 -13.87
C ILE A 287 -3.47 20.90 -13.83
N GLN A 288 -4.76 21.02 -14.14
CA GLN A 288 -5.35 22.36 -14.23
C GLN A 288 -5.41 22.99 -12.85
N GLY A 289 -4.87 24.19 -12.74
CA GLY A 289 -4.74 24.82 -11.44
C GLY A 289 -4.02 23.94 -10.45
N ASP A 290 -3.12 23.08 -10.94
CA ASP A 290 -2.20 22.29 -10.11
C ASP A 290 -1.63 23.23 -9.04
N GLU A 291 -1.58 24.64 -9.42
CA GLU A 291 -0.80 25.70 -8.69
C GLU A 291 -1.24 25.67 -7.22
N ARG A 292 -2.52 25.85 -6.89
CA ARG A 292 -2.95 26.24 -5.53
C ARG A 292 -3.79 25.13 -4.93
N MET A 293 -3.19 23.93 -4.86
CA MET A 293 -3.88 22.71 -4.44
C MET A 293 -3.37 22.28 -3.07
N HIS A 294 -4.22 22.41 -2.04
CA HIS A 294 -3.93 22.05 -0.65
C HIS A 294 -4.63 20.77 -0.25
N LEU A 295 -3.97 19.99 0.61
CA LEU A 295 -4.53 18.79 1.21
C LEU A 295 -4.27 18.84 2.70
N PRO A 296 -5.14 18.21 3.54
CA PRO A 296 -4.94 18.26 5.00
C PRO A 296 -3.48 18.03 5.39
N SER A 297 -3.05 18.40 6.59
CA SER A 297 -1.62 18.34 6.88
C SER A 297 -1.44 18.19 8.39
N PRO A 298 -0.29 17.62 8.82
CA PRO A 298 -0.05 17.50 10.27
C PRO A 298 0.30 18.81 10.96
N THR A 299 0.77 19.83 10.24
CA THR A 299 0.91 21.18 10.79
C THR A 299 -0.37 22.02 10.59
N ASP A 300 -1.54 21.37 10.62
CA ASP A 300 -2.84 22.03 10.63
C ASP A 300 -3.54 21.74 11.95
N SER A 301 -4.16 22.76 12.53
CA SER A 301 -4.74 22.62 13.87
C SER A 301 -5.88 21.60 13.89
N ASN A 302 -6.68 21.55 12.83
CA ASN A 302 -7.77 20.58 12.72
C ASN A 302 -7.25 19.16 12.87
N PHE A 303 -6.47 18.71 11.88
CA PHE A 303 -5.73 17.44 11.93
C PHE A 303 -5.35 17.13 13.37
N TYR A 304 -5.65 15.91 13.81
CA TYR A 304 -5.43 15.39 15.19
C TYR A 304 -6.80 15.16 15.85
N ASP A 312 -10.94 14.46 24.04
CA ASP A 312 -9.84 13.84 24.78
C ASP A 312 -8.51 14.06 24.03
N MET A 313 -7.97 13.01 23.39
CA MET A 313 -6.71 13.04 22.63
C MET A 313 -5.50 13.30 23.51
N ASP A 314 -5.68 13.20 24.82
CA ASP A 314 -4.56 13.38 25.71
C ASP A 314 -3.75 12.10 25.71
N ASP A 315 -2.43 12.23 25.68
CA ASP A 315 -1.50 11.12 25.81
C ASP A 315 -1.28 10.34 24.52
N VAL A 316 -1.63 10.88 23.39
CA VAL A 316 -1.72 10.09 22.18
C VAL A 316 -0.42 10.20 21.40
N VAL A 317 0.12 9.04 21.04
CA VAL A 317 1.38 8.93 20.31
C VAL A 317 1.11 8.10 19.08
N ASP A 318 1.83 8.40 18.01
CA ASP A 318 1.72 7.56 16.84
C ASP A 318 2.47 6.25 17.01
N ALA A 319 1.94 5.16 16.45
CA ALA A 319 2.65 3.89 16.56
C ALA A 319 4.09 4.04 16.12
N ASP A 320 4.31 4.81 15.06
CA ASP A 320 5.65 5.01 14.51
C ASP A 320 6.59 5.71 15.47
N GLU A 321 6.09 6.19 16.61
CA GLU A 321 6.95 6.68 17.66
C GLU A 321 6.93 5.83 18.91
N TYR A 322 6.25 4.71 18.91
CA TYR A 322 6.22 3.83 20.07
C TYR A 322 7.06 2.62 19.71
N LEU A 323 8.29 2.56 20.25
CA LEU A 323 9.23 1.47 19.96
C LEU A 323 9.31 0.55 21.16
N ILE A 324 10.21 -0.44 21.10
CA ILE A 324 10.28 -1.58 22.01
C ILE A 324 9.84 -1.24 23.43
N PRO A 325 9.16 -2.11 24.19
CA PRO A 325 8.61 -1.47 25.41
C PRO A 325 9.64 -1.02 26.47
C10 NSO B . -6.01 -1.60 7.77
N12 NSO B . -8.77 -1.10 6.66
C13 NSO B . -9.82 -0.64 5.77
C15 NSO B . -12.04 0.14 5.17
C17 NSO B . -10.34 -0.15 3.46
C20 NSO B . -10.42 0.20 0.92
C22 NSO B . -9.72 0.18 -0.44
C26 NSO B . -9.85 5.31 7.57
C28 NSO B . -12.02 5.21 6.63
C01 NSO B . -7.85 2.15 7.86
C03 NSO B . -7.94 -0.05 7.27
C04 NSO B . -6.64 -0.31 7.81
C05 NSO B . -5.97 0.76 8.37
C07 NSO B . -4.64 0.60 8.91
C08 NSO B . -4.02 -0.66 8.88
C09 NSO B . -4.71 -1.77 8.28
C14 NSO B . -11.11 -0.29 6.16
C16 NSO B . -11.64 0.20 3.81
C18 NSO B . -9.44 -0.56 4.44
C23 NSO B . -9.45 1.33 -1.01
C25 NSO B . -9.71 3.94 7.49
C27 NSO B . -10.99 5.95 7.15
C29 NSO B . -11.90 3.83 6.56
C30 NSO B . -10.73 3.17 6.98
C32 NSO B . -14.43 5.37 6.89
C33 NSO B . -15.74 6.08 6.54
C35 NSO B . -14.64 8.11 6.56
C36 NSO B . -13.30 7.36 6.36
C37 NSO B . -16.03 7.56 8.07
F11 NSO B . -4.15 -3.01 8.22
N02 NSO B . -8.52 1.17 7.29
N06 NSO B . -6.65 1.97 8.38
N19 NSO B . -9.71 -0.16 2.11
N24 NSO B . -8.41 3.50 7.97
N31 NSO B . -13.26 5.92 6.21
N34 NSO B . -15.79 7.42 6.83
O21 NSO B . -11.54 0.54 1.03
H1 NSO B . -6.53 -2.44 7.35
H2 NSO B . -8.62 -2.06 6.86
H3 NSO B . -13.04 0.43 5.45
H4 NSO B . -9.46 -0.76 -0.92
H5 NSO B . -9.05 5.88 7.99
H6 NSO B . -4.12 1.44 9.34
H7 NSO B . -3.03 -0.80 9.28
H8 NSO B . -11.40 -0.34 7.18
H9 NSO B . -12.35 0.50 3.03
H10 NSO B . -8.42 -0.83 4.16
H11 NSO B . -8.97 1.34 -1.98
H12 NSO B . -9.76 2.26 -0.53
H13 NSO B . -11.07 7.03 7.23
H14 NSO B . -12.71 3.25 6.16
H15 NSO B . -10.63 2.10 6.91
H16 NSO B . -14.27 5.45 7.96
H17 NSO B . -14.52 4.32 6.60
H18 NSO B . -15.91 5.96 5.47
H19 NSO B . -16.53 5.59 7.07
H20 NSO B . -14.50 8.80 7.38
H21 NSO B . -14.82 8.67 5.65
H22 NSO B . -12.69 7.59 7.23
H23 NSO B . -12.84 7.77 5.48
H24 NSO B . -15.17 7.22 8.64
H25 NSO B . -16.22 8.60 8.29
H26 NSO B . -16.89 6.97 8.34
H27 NSO B . -8.74 -0.42 2.02
H28 NSO B . -7.84 4.18 8.42
#